data_2DAA
#
_entry.id   2DAA
#
_cell.length_a   77.301
_cell.length_b   91.018
_cell.length_c   89.701
_cell.angle_alpha   90.00
_cell.angle_beta   90.00
_cell.angle_gamma   90.00
#
_symmetry.space_group_name_H-M   'P 21 21 21'
#
loop_
_entity.id
_entity.type
_entity.pdbx_description
1 polymer 'D-AMINO ACID AMINOTRANSFERASE'
2 non-polymer D-[3-HYDROXY-2-METHYL-5-PHOSPHONOOXYMETHYL-PYRIDIN-4-YLMETHYL]-N,O-CYCLOSERYLAMIDE
3 water water
#
_entity_poly.entity_id   1
_entity_poly.type   'polypeptide(L)'
_entity_poly.pdbx_seq_one_letter_code
;GYTLWNDQIVKDEEVKIDKEDRGYQFGDGVYEVVKVYNGEMFTVNEHIDRLYASAEKIRITIPYTKDKFHQLLHELVEKN
ELNTGHIYFQVTRGTSPRAHQFPENTVKPVIIGYTKENPRPLENLEKGVKATFVEDIRWLRCDIKSLNLLGAVLAKQEAH
EKGCYEAILHRNNTVTEGSSSNVFGIKDGILYTHPANNMILKGITRDVVIACANEINMPVKEIPFTTHEALKMDELFVTS
TTSEITPVIEIDGKLIRDGKVGEWTRKLQKQFETKIPKPLHI
;
_entity_poly.pdbx_strand_id   A,B
#
# COMPACT_ATOMS: atom_id res chain seq x y z
N GLY A 1 -26.52 -12.05 -1.97
CA GLY A 1 -26.44 -11.72 -3.40
C GLY A 1 -25.38 -12.59 -4.05
N TYR A 2 -24.97 -12.23 -5.26
CA TYR A 2 -23.96 -12.98 -6.00
C TYR A 2 -22.67 -12.17 -6.14
N THR A 3 -21.56 -12.89 -6.22
CA THR A 3 -20.24 -12.29 -6.34
C THR A 3 -19.50 -12.87 -7.53
N LEU A 4 -18.83 -12.01 -8.28
CA LEU A 4 -18.01 -12.43 -9.40
C LEU A 4 -16.73 -12.98 -8.77
N TRP A 5 -16.41 -14.23 -9.05
CA TRP A 5 -15.22 -14.84 -8.49
C TRP A 5 -14.47 -15.52 -9.63
N ASN A 6 -13.47 -14.81 -10.13
CA ASN A 6 -12.65 -15.26 -11.24
C ASN A 6 -13.49 -15.17 -12.51
N ASP A 7 -14.00 -16.29 -13.02
CA ASP A 7 -14.82 -16.28 -14.23
C ASP A 7 -16.24 -16.79 -14.01
N GLN A 8 -16.63 -16.92 -12.74
CA GLN A 8 -17.94 -17.43 -12.40
C GLN A 8 -18.69 -16.48 -11.49
N ILE A 9 -20.02 -16.43 -11.64
CA ILE A 9 -20.88 -15.61 -10.81
C ILE A 9 -21.43 -16.61 -9.81
N VAL A 10 -20.96 -16.56 -8.57
CA VAL A 10 -21.40 -17.51 -7.54
C VAL A 10 -22.10 -16.81 -6.38
N LYS A 11 -22.64 -17.61 -5.46
CA LYS A 11 -23.30 -17.04 -4.28
C LYS A 11 -22.16 -16.52 -3.41
N ASP A 12 -22.39 -15.46 -2.64
CA ASP A 12 -21.35 -14.89 -1.80
C ASP A 12 -20.75 -15.90 -0.81
N GLU A 13 -21.61 -16.75 -0.26
CA GLU A 13 -21.21 -17.76 0.72
C GLU A 13 -20.19 -18.77 0.19
N GLU A 14 -20.10 -18.89 -1.13
CA GLU A 14 -19.19 -19.82 -1.79
C GLU A 14 -17.80 -19.27 -2.09
N VAL A 15 -17.60 -17.98 -1.87
CA VAL A 15 -16.32 -17.34 -2.13
C VAL A 15 -15.37 -17.51 -0.94
N LYS A 16 -14.18 -18.02 -1.22
CA LYS A 16 -13.15 -18.22 -0.19
C LYS A 16 -11.80 -17.61 -0.60
N ILE A 17 -11.30 -16.70 0.24
CA ILE A 17 -10.03 -16.02 -0.01
C ILE A 17 -8.90 -16.64 0.82
N ASP A 18 -7.76 -16.90 0.18
CA ASP A 18 -6.60 -17.50 0.84
C ASP A 18 -5.77 -16.45 1.59
N LYS A 19 -5.24 -16.83 2.75
CA LYS A 19 -4.42 -15.92 3.56
C LYS A 19 -3.14 -15.45 2.85
N GLU A 20 -2.66 -16.24 1.90
CA GLU A 20 -1.45 -15.89 1.15
C GLU A 20 -1.73 -15.29 -0.22
N ASP A 21 -2.95 -14.77 -0.37
CA ASP A 21 -3.34 -14.10 -1.60
C ASP A 21 -2.48 -12.84 -1.49
N ARG A 22 -1.76 -12.49 -2.56
CA ARG A 22 -0.89 -11.31 -2.53
C ARG A 22 -1.61 -9.99 -2.29
N GLY A 23 -2.93 -9.98 -2.49
CA GLY A 23 -3.70 -8.78 -2.26
C GLY A 23 -3.86 -8.56 -0.77
N TYR A 24 -3.82 -9.65 -0.02
CA TYR A 24 -3.99 -9.60 1.43
C TYR A 24 -2.68 -9.36 2.16
N GLN A 25 -1.57 -9.82 1.58
CA GLN A 25 -0.26 -9.66 2.20
C GLN A 25 0.62 -8.50 1.69
N PHE A 26 0.43 -8.09 0.45
CA PHE A 26 1.22 -7.00 -0.15
C PHE A 26 0.37 -5.88 -0.77
N GLY A 27 -0.96 -6.06 -0.81
CA GLY A 27 -1.80 -5.05 -1.42
C GLY A 27 -1.44 -5.04 -2.90
N ASP A 28 -1.00 -6.19 -3.37
CA ASP A 28 -0.53 -6.39 -4.75
C ASP A 28 -1.69 -6.63 -5.72
N GLY A 29 -2.35 -5.54 -6.11
CA GLY A 29 -3.46 -5.64 -7.03
C GLY A 29 -3.97 -4.26 -7.42
N VAL A 30 -4.93 -4.24 -8.33
CA VAL A 30 -5.55 -3.01 -8.83
C VAL A 30 -7.07 -3.18 -8.78
N TYR A 31 -7.82 -2.07 -8.87
CA TYR A 31 -9.27 -2.17 -8.80
C TYR A 31 -10.01 -1.07 -9.59
N GLU A 32 -11.34 -1.21 -9.64
CA GLU A 32 -12.21 -0.24 -10.29
C GLU A 32 -13.56 -0.21 -9.60
N VAL A 33 -14.31 0.86 -9.87
CA VAL A 33 -15.66 1.08 -9.34
C VAL A 33 -16.46 1.67 -10.51
N VAL A 34 -17.55 1.01 -10.89
CA VAL A 34 -18.39 1.48 -11.99
C VAL A 34 -19.77 1.84 -11.41
N LYS A 35 -20.30 3.01 -11.77
CA LYS A 35 -21.61 3.43 -11.26
C LYS A 35 -22.70 2.90 -12.19
N VAL A 36 -23.81 2.48 -11.60
CA VAL A 36 -24.95 1.97 -12.36
C VAL A 36 -26.18 2.84 -12.10
N TYR A 37 -26.84 3.27 -13.17
CA TYR A 37 -28.04 4.11 -13.07
C TYR A 37 -29.25 3.38 -13.64
N ASN A 38 -30.20 3.00 -12.78
CA ASN A 38 -31.41 2.28 -13.20
C ASN A 38 -31.09 1.09 -14.08
N GLY A 39 -30.14 0.25 -13.64
CA GLY A 39 -29.77 -0.94 -14.38
C GLY A 39 -28.75 -0.81 -15.50
N GLU A 40 -28.36 0.41 -15.86
CA GLU A 40 -27.37 0.62 -16.93
C GLU A 40 -26.04 1.10 -16.37
N MET A 41 -24.95 0.48 -16.82
CA MET A 41 -23.60 0.84 -16.38
C MET A 41 -23.11 2.10 -17.07
N PHE A 42 -22.51 3.00 -16.29
CA PHE A 42 -21.99 4.26 -16.80
C PHE A 42 -20.51 4.12 -17.13
N THR A 43 -20.13 4.54 -18.34
CA THR A 43 -18.76 4.50 -18.85
C THR A 43 -17.99 3.22 -18.53
N VAL A 44 -18.59 2.08 -18.88
CA VAL A 44 -18.02 0.78 -18.62
C VAL A 44 -16.66 0.57 -19.28
N ASN A 45 -16.63 0.75 -20.60
CA ASN A 45 -15.41 0.57 -21.39
C ASN A 45 -14.24 1.38 -20.87
N GLU A 46 -14.52 2.60 -20.42
CA GLU A 46 -13.48 3.48 -19.90
C GLU A 46 -12.87 2.90 -18.64
N HIS A 47 -13.72 2.37 -17.76
CA HIS A 47 -13.24 1.77 -16.52
C HIS A 47 -12.48 0.46 -16.75
N ILE A 48 -12.93 -0.31 -17.74
CA ILE A 48 -12.29 -1.58 -18.09
C ILE A 48 -10.90 -1.35 -18.70
N ASP A 49 -10.80 -0.35 -19.58
CA ASP A 49 -9.52 -0.01 -20.20
C ASP A 49 -8.51 0.37 -19.12
N ARG A 50 -8.97 1.13 -18.13
CA ARG A 50 -8.12 1.58 -17.04
C ARG A 50 -7.68 0.45 -16.12
N LEU A 51 -8.55 -0.54 -15.90
CA LEU A 51 -8.21 -1.68 -15.06
C LEU A 51 -7.05 -2.42 -15.70
N TYR A 52 -7.15 -2.66 -17.01
CA TYR A 52 -6.12 -3.37 -17.75
C TYR A 52 -4.80 -2.59 -17.81
N ALA A 53 -4.90 -1.26 -17.85
CA ALA A 53 -3.72 -0.40 -17.88
C ALA A 53 -3.03 -0.48 -16.52
N SER A 54 -3.82 -0.34 -15.44
CA SER A 54 -3.30 -0.40 -14.06
C SER A 54 -2.57 -1.71 -13.82
N ALA A 55 -3.19 -2.82 -14.22
CA ALA A 55 -2.61 -4.15 -14.06
C ALA A 55 -1.32 -4.25 -14.88
N GLU A 56 -1.34 -3.69 -16.09
CA GLU A 56 -0.18 -3.71 -16.98
C GLU A 56 1.00 -2.97 -16.35
N LYS A 57 0.73 -1.87 -15.67
CA LYS A 57 1.79 -1.09 -15.04
C LYS A 57 2.53 -1.84 -13.92
N ILE A 58 1.91 -2.88 -13.37
CA ILE A 58 2.56 -3.68 -12.33
C ILE A 58 2.77 -5.13 -12.77
N ARG A 59 2.73 -5.35 -14.09
CA ARG A 59 2.94 -6.65 -14.73
C ARG A 59 2.00 -7.82 -14.39
N ILE A 60 0.72 -7.51 -14.22
CA ILE A 60 -0.28 -8.53 -13.95
C ILE A 60 -0.97 -8.79 -15.29
N THR A 61 -1.17 -10.06 -15.62
CA THR A 61 -1.83 -10.41 -16.86
C THR A 61 -3.23 -10.94 -16.58
N ILE A 62 -4.24 -10.20 -17.00
CA ILE A 62 -5.62 -10.59 -16.81
C ILE A 62 -5.91 -11.65 -17.89
N PRO A 63 -6.28 -12.86 -17.46
CA PRO A 63 -6.58 -14.00 -18.34
C PRO A 63 -7.73 -13.89 -19.35
N TYR A 64 -8.66 -12.97 -19.15
CA TYR A 64 -9.78 -12.83 -20.08
C TYR A 64 -9.59 -11.62 -20.97
N THR A 65 -10.40 -11.56 -22.03
CA THR A 65 -10.38 -10.44 -22.96
C THR A 65 -11.31 -9.39 -22.34
N LYS A 66 -11.24 -8.15 -22.84
CA LYS A 66 -12.09 -7.09 -22.30
C LYS A 66 -13.58 -7.36 -22.57
N ASP A 67 -13.86 -8.13 -23.62
CA ASP A 67 -15.24 -8.48 -23.98
C ASP A 67 -15.87 -9.42 -22.95
N LYS A 68 -15.09 -10.39 -22.46
CA LYS A 68 -15.55 -11.35 -21.48
C LYS A 68 -15.78 -10.72 -20.11
N PHE A 69 -14.92 -9.77 -19.74
CA PHE A 69 -15.02 -9.09 -18.45
C PHE A 69 -16.30 -8.24 -18.45
N HIS A 70 -16.62 -7.64 -19.61
CA HIS A 70 -17.81 -6.81 -19.78
C HIS A 70 -19.10 -7.64 -19.66
N GLN A 71 -19.18 -8.78 -20.34
CA GLN A 71 -20.39 -9.60 -20.26
C GLN A 71 -20.57 -10.14 -18.84
N LEU A 72 -19.45 -10.31 -18.14
CA LEU A 72 -19.47 -10.82 -16.76
C LEU A 72 -20.03 -9.79 -15.78
N LEU A 73 -19.67 -8.52 -15.99
CA LEU A 73 -20.17 -7.44 -15.13
C LEU A 73 -21.66 -7.25 -15.42
N HIS A 74 -22.03 -7.44 -16.69
CA HIS A 74 -23.42 -7.32 -17.11
C HIS A 74 -24.23 -8.39 -16.40
N GLU A 75 -23.69 -9.61 -16.40
CA GLU A 75 -24.32 -10.75 -15.75
C GLU A 75 -24.46 -10.47 -14.27
N LEU A 76 -23.40 -9.93 -13.67
CA LEU A 76 -23.37 -9.59 -12.25
C LEU A 76 -24.45 -8.57 -11.90
N VAL A 77 -24.68 -7.63 -12.80
CA VAL A 77 -25.70 -6.61 -12.59
C VAL A 77 -27.10 -7.22 -12.71
N GLU A 78 -27.30 -8.09 -13.70
CA GLU A 78 -28.60 -8.76 -13.90
C GLU A 78 -28.97 -9.62 -12.71
N LYS A 79 -28.06 -10.52 -12.33
CA LYS A 79 -28.27 -11.45 -11.22
C LYS A 79 -28.59 -10.76 -9.88
N ASN A 80 -27.88 -9.67 -9.59
CA ASN A 80 -28.11 -8.96 -8.33
C ASN A 80 -29.30 -8.01 -8.39
N GLU A 81 -29.91 -7.87 -9.57
CA GLU A 81 -31.06 -6.98 -9.77
C GLU A 81 -30.72 -5.56 -9.33
N LEU A 82 -29.55 -5.08 -9.73
CA LEU A 82 -29.09 -3.76 -9.36
C LEU A 82 -29.81 -2.64 -10.13
N ASN A 83 -30.31 -1.66 -9.39
CA ASN A 83 -31.00 -0.52 -9.99
C ASN A 83 -30.01 0.65 -10.05
N THR A 84 -29.74 1.28 -8.90
CA THR A 84 -28.82 2.41 -8.84
C THR A 84 -27.81 2.19 -7.71
N GLY A 85 -26.52 2.10 -8.07
CA GLY A 85 -25.47 1.90 -7.09
C GLY A 85 -24.15 1.73 -7.80
N HIS A 86 -23.33 0.75 -7.42
CA HIS A 86 -22.06 0.57 -8.11
C HIS A 86 -21.53 -0.84 -8.04
N ILE A 87 -20.61 -1.14 -8.94
CA ILE A 87 -19.95 -2.44 -9.00
C ILE A 87 -18.51 -2.20 -8.56
N TYR A 88 -18.01 -3.05 -7.68
CA TYR A 88 -16.62 -2.95 -7.25
C TYR A 88 -15.97 -4.22 -7.75
N PHE A 89 -14.83 -4.09 -8.42
CA PHE A 89 -14.09 -5.26 -8.88
C PHE A 89 -12.60 -5.05 -8.74
N GLN A 90 -11.88 -6.09 -8.32
CA GLN A 90 -10.44 -6.03 -8.13
C GLN A 90 -9.73 -7.25 -8.67
N VAL A 91 -8.44 -7.07 -8.97
CA VAL A 91 -7.57 -8.11 -9.49
C VAL A 91 -6.27 -8.11 -8.67
N THR A 92 -5.90 -9.25 -8.10
CA THR A 92 -4.65 -9.34 -7.34
C THR A 92 -3.73 -10.27 -8.11
N ARG A 93 -2.43 -10.26 -7.82
CA ARG A 93 -1.49 -11.12 -8.54
C ARG A 93 -1.73 -12.62 -8.36
N GLY A 94 -2.41 -12.99 -7.29
CA GLY A 94 -2.70 -14.39 -7.06
C GLY A 94 -2.27 -14.89 -5.70
N THR A 95 -2.42 -16.19 -5.50
CA THR A 95 -2.06 -16.85 -4.25
C THR A 95 -0.76 -17.62 -4.47
N SER A 96 0.21 -17.40 -3.59
CA SER A 96 1.51 -18.07 -3.68
C SER A 96 2.22 -17.90 -2.35
N PRO A 97 3.07 -18.86 -1.95
CA PRO A 97 3.77 -18.72 -0.67
C PRO A 97 4.47 -17.37 -0.61
N ARG A 98 4.30 -16.71 0.53
CA ARG A 98 4.84 -15.38 0.77
C ARG A 98 6.29 -15.15 0.38
N ALA A 99 6.48 -14.19 -0.51
CA ALA A 99 7.79 -13.79 -0.99
C ALA A 99 7.50 -12.47 -1.69
N HIS A 100 8.42 -11.52 -1.57
CA HIS A 100 8.26 -10.20 -2.19
C HIS A 100 8.23 -10.20 -3.70
N GLN A 101 9.12 -10.97 -4.31
CA GLN A 101 9.19 -11.05 -5.76
C GLN A 101 7.99 -11.79 -6.37
N PHE A 102 7.76 -11.57 -7.67
CA PHE A 102 6.65 -12.21 -8.39
C PHE A 102 6.74 -13.75 -8.33
N PRO A 103 5.59 -14.43 -8.23
CA PRO A 103 5.56 -15.89 -8.17
C PRO A 103 5.90 -16.42 -9.57
N GLU A 104 5.79 -17.72 -9.76
CA GLU A 104 6.08 -18.31 -11.07
C GLU A 104 4.83 -18.08 -11.92
N ASN A 105 5.02 -17.83 -13.21
CA ASN A 105 3.91 -17.57 -14.14
C ASN A 105 2.78 -18.58 -14.17
N THR A 106 2.89 -19.64 -13.36
CA THR A 106 1.86 -20.67 -13.28
C THR A 106 0.66 -20.22 -12.44
N VAL A 107 0.86 -19.26 -11.54
CA VAL A 107 -0.23 -18.80 -10.68
C VAL A 107 -1.20 -17.81 -11.37
N LYS A 108 -2.49 -18.13 -11.29
CA LYS A 108 -3.54 -17.31 -11.90
C LYS A 108 -4.04 -16.21 -10.96
N PRO A 109 -4.30 -15.01 -11.49
CA PRO A 109 -4.79 -13.89 -10.67
C PRO A 109 -6.17 -14.21 -10.07
N VAL A 110 -6.51 -13.54 -8.98
CA VAL A 110 -7.79 -13.72 -8.31
C VAL A 110 -8.63 -12.48 -8.63
N ILE A 111 -9.83 -12.69 -9.15
CA ILE A 111 -10.72 -11.59 -9.49
C ILE A 111 -11.97 -11.66 -8.64
N ILE A 112 -12.30 -10.54 -8.00
CA ILE A 112 -13.46 -10.42 -7.13
C ILE A 112 -14.28 -9.22 -7.58
N GLY A 113 -15.60 -9.39 -7.64
CA GLY A 113 -16.47 -8.30 -8.04
C GLY A 113 -17.83 -8.44 -7.39
N TYR A 114 -18.45 -7.34 -6.99
CA TYR A 114 -19.77 -7.40 -6.38
C TYR A 114 -20.47 -6.07 -6.51
N THR A 115 -21.73 -6.01 -6.08
CA THR A 115 -22.52 -4.80 -6.22
C THR A 115 -23.07 -4.25 -4.90
N LYS A 116 -23.48 -2.98 -4.93
CA LYS A 116 -24.07 -2.35 -3.76
C LYS A 116 -25.06 -1.28 -4.21
N GLU A 117 -26.25 -1.31 -3.60
CA GLU A 117 -27.29 -0.33 -3.88
C GLU A 117 -26.86 0.93 -3.13
N ASN A 118 -26.79 2.05 -3.84
CA ASN A 118 -26.39 3.29 -3.23
C ASN A 118 -26.92 4.40 -4.12
N PRO A 119 -27.81 5.24 -3.58
CA PRO A 119 -28.41 6.34 -4.34
C PRO A 119 -27.43 7.46 -4.69
N ARG A 120 -27.83 8.32 -5.62
CA ARG A 120 -27.02 9.45 -6.01
C ARG A 120 -27.00 10.41 -4.82
N PRO A 121 -25.86 11.07 -4.56
CA PRO A 121 -25.70 12.01 -3.44
C PRO A 121 -26.39 13.35 -3.68
N LEU A 122 -27.72 13.34 -3.56
CA LEU A 122 -28.56 14.52 -3.80
C LEU A 122 -28.26 15.76 -2.98
N GLU A 123 -28.22 15.63 -1.67
CA GLU A 123 -27.94 16.74 -0.78
C GLU A 123 -26.58 17.38 -1.10
N ASN A 124 -25.55 16.56 -1.28
CA ASN A 124 -24.19 17.05 -1.58
C ASN A 124 -24.11 17.77 -2.93
N LEU A 125 -24.75 17.20 -3.95
CA LEU A 125 -24.74 17.78 -5.28
C LEU A 125 -25.45 19.15 -5.33
N GLU A 126 -26.43 19.33 -4.45
CA GLU A 126 -27.19 20.58 -4.43
C GLU A 126 -26.62 21.63 -3.48
N LYS A 127 -26.22 21.19 -2.29
CA LYS A 127 -25.69 22.12 -1.29
C LYS A 127 -24.17 22.27 -1.15
N GLY A 128 -23.40 21.33 -1.71
CA GLY A 128 -21.96 21.41 -1.60
C GLY A 128 -21.43 20.89 -0.27
N VAL A 129 -20.12 20.70 -0.16
CA VAL A 129 -19.51 20.19 1.08
C VAL A 129 -18.28 20.95 1.58
N LYS A 130 -17.83 20.58 2.77
CA LYS A 130 -16.65 21.19 3.39
C LYS A 130 -15.49 20.21 3.20
N ALA A 131 -14.31 20.75 2.93
CA ALA A 131 -13.12 19.93 2.73
C ALA A 131 -12.01 20.39 3.66
N THR A 132 -10.93 19.63 3.74
CA THR A 132 -9.80 19.97 4.60
C THR A 132 -8.50 19.58 3.92
N PHE A 133 -7.46 20.39 4.10
CA PHE A 133 -6.14 20.15 3.52
C PHE A 133 -5.37 19.13 4.35
N VAL A 134 -4.78 18.15 3.69
CA VAL A 134 -4.00 17.13 4.37
C VAL A 134 -2.78 16.90 3.48
N GLU A 135 -1.61 16.85 4.11
CA GLU A 135 -0.35 16.63 3.38
C GLU A 135 -0.36 15.28 2.66
N ASP A 136 0.05 15.28 1.39
CA ASP A 136 0.10 14.07 0.58
C ASP A 136 1.39 13.31 0.90
N ILE A 137 1.23 12.16 1.55
CA ILE A 137 2.35 11.30 1.94
C ILE A 137 2.33 9.94 1.22
N ARG A 138 1.56 9.85 0.14
CA ARG A 138 1.44 8.60 -0.60
C ARG A 138 2.66 8.32 -1.46
N TRP A 139 2.71 7.12 -2.02
CA TRP A 139 3.83 6.74 -2.87
C TRP A 139 3.85 7.55 -4.17
N LEU A 140 4.88 7.35 -4.99
CA LEU A 140 5.05 8.11 -6.21
C LEU A 140 4.53 7.51 -7.51
N ARG A 141 3.61 6.56 -7.40
CA ARG A 141 3.01 5.96 -8.59
C ARG A 141 1.51 6.04 -8.42
N CYS A 142 1.02 7.23 -8.08
CA CYS A 142 -0.40 7.46 -7.87
C CYS A 142 -1.23 7.33 -9.15
N ASP A 143 -0.55 7.17 -10.29
CA ASP A 143 -1.22 6.98 -11.56
C ASP A 143 -1.78 5.56 -11.68
N ILE A 144 -1.33 4.66 -10.79
CA ILE A 144 -1.79 3.27 -10.79
C ILE A 144 -2.88 3.17 -9.73
N LYS A 145 -4.02 2.59 -10.08
CA LYS A 145 -5.13 2.45 -9.13
C LYS A 145 -4.97 1.12 -8.41
N SER A 146 -4.03 1.07 -7.46
CA SER A 146 -3.73 -0.14 -6.72
C SER A 146 -4.42 -0.26 -5.36
N LEU A 147 -4.28 -1.42 -4.74
CA LEU A 147 -4.86 -1.68 -3.43
C LEU A 147 -4.05 -1.09 -2.28
N ASN A 148 -2.92 -0.46 -2.58
CA ASN A 148 -2.09 0.17 -1.54
C ASN A 148 -2.76 1.51 -1.25
N LEU A 149 -3.77 1.48 -0.39
CA LEU A 149 -4.55 2.69 -0.07
C LEU A 149 -4.49 3.21 1.35
N LEU A 150 -3.51 2.79 2.14
CA LEU A 150 -3.41 3.22 3.52
C LEU A 150 -3.28 4.73 3.67
N GLY A 151 -2.55 5.37 2.75
CA GLY A 151 -2.40 6.82 2.84
C GLY A 151 -3.76 7.50 2.68
N ALA A 152 -4.56 7.00 1.76
CA ALA A 152 -5.90 7.54 1.50
C ALA A 152 -6.88 7.31 2.65
N VAL A 153 -6.80 6.16 3.32
CA VAL A 153 -7.72 5.90 4.42
C VAL A 153 -7.41 6.79 5.61
N LEU A 154 -6.13 7.09 5.85
CA LEU A 154 -5.73 7.94 6.97
C LEU A 154 -6.16 9.39 6.71
N ALA A 155 -6.07 9.81 5.45
CA ALA A 155 -6.47 11.16 5.04
C ALA A 155 -7.99 11.33 5.15
N LYS A 156 -8.73 10.37 4.60
CA LYS A 156 -10.19 10.41 4.65
C LYS A 156 -10.68 10.42 6.10
N GLN A 157 -10.03 9.65 6.97
CA GLN A 157 -10.39 9.60 8.38
C GLN A 157 -10.16 10.93 9.07
N GLU A 158 -9.05 11.58 8.72
CA GLU A 158 -8.70 12.88 9.29
C GLU A 158 -9.80 13.86 8.91
N ALA A 159 -10.23 13.80 7.66
CA ALA A 159 -11.30 14.67 7.16
C ALA A 159 -12.60 14.45 7.92
N HIS A 160 -12.99 13.19 8.09
CA HIS A 160 -14.23 12.86 8.79
C HIS A 160 -14.26 13.27 10.25
N GLU A 161 -13.13 13.16 10.94
CA GLU A 161 -13.04 13.55 12.35
C GLU A 161 -13.20 15.05 12.54
N LYS A 162 -12.86 15.82 11.50
CA LYS A 162 -12.99 17.28 11.52
C LYS A 162 -14.37 17.74 11.05
N GLY A 163 -15.21 16.79 10.64
CA GLY A 163 -16.54 17.11 10.16
C GLY A 163 -16.58 17.39 8.67
N CYS A 164 -15.47 17.14 7.99
CA CYS A 164 -15.36 17.37 6.57
C CYS A 164 -15.71 16.13 5.75
N TYR A 165 -16.07 16.36 4.50
CA TYR A 165 -16.45 15.27 3.60
C TYR A 165 -15.25 14.70 2.86
N GLU A 166 -14.38 15.59 2.38
CA GLU A 166 -13.20 15.16 1.63
C GLU A 166 -11.92 15.83 2.09
N ALA A 167 -10.81 15.11 1.92
CA ALA A 167 -9.48 15.59 2.26
C ALA A 167 -8.81 15.96 0.96
N ILE A 168 -8.39 17.22 0.86
CA ILE A 168 -7.72 17.71 -0.32
C ILE A 168 -6.22 17.61 -0.04
N LEU A 169 -5.56 16.75 -0.80
CA LEU A 169 -4.14 16.49 -0.63
C LEU A 169 -3.23 17.44 -1.38
N HIS A 170 -2.10 17.75 -0.76
CA HIS A 170 -1.10 18.64 -1.33
C HIS A 170 0.31 18.10 -1.07
N ARG A 171 1.13 18.06 -2.11
CA ARG A 171 2.50 17.58 -1.96
C ARG A 171 3.42 18.78 -2.15
N ASN A 172 4.01 19.21 -1.04
CA ASN A 172 4.92 20.36 -1.03
C ASN A 172 4.19 21.62 -1.56
N ASN A 173 3.06 21.87 -0.89
CA ASN A 173 2.14 22.98 -1.14
C ASN A 173 1.38 23.03 -2.47
N THR A 174 1.55 22.02 -3.32
CA THR A 174 0.85 21.96 -4.60
C THR A 174 -0.28 20.94 -4.48
N VAL A 175 -1.52 21.39 -4.71
CA VAL A 175 -2.70 20.53 -4.63
C VAL A 175 -2.63 19.43 -5.68
N THR A 176 -2.75 18.18 -5.26
CA THR A 176 -2.70 17.05 -6.18
C THR A 176 -4.10 16.52 -6.51
N GLU A 177 -4.73 15.83 -5.55
CA GLU A 177 -6.08 15.28 -5.71
C GLU A 177 -6.66 15.04 -4.32
N GLY A 178 -7.89 14.50 -4.25
CA GLY A 178 -8.49 14.23 -2.96
C GLY A 178 -8.22 12.79 -2.55
N SER A 179 -8.49 12.43 -1.30
CA SER A 179 -8.25 11.05 -0.86
C SER A 179 -8.96 10.01 -1.75
N SER A 180 -10.09 10.39 -2.36
CA SER A 180 -10.76 9.49 -3.30
C SER A 180 -11.51 10.25 -4.39
N SER A 181 -10.91 11.33 -4.88
CA SER A 181 -11.51 12.15 -5.94
C SER A 181 -10.46 13.03 -6.58
N ASN A 182 -10.81 13.64 -7.71
CA ASN A 182 -9.90 14.58 -8.39
C ASN A 182 -10.39 15.98 -8.00
N VAL A 183 -9.48 16.95 -7.99
CA VAL A 183 -9.84 18.31 -7.59
C VAL A 183 -9.75 19.31 -8.75
N PHE A 184 -10.79 20.12 -8.88
CA PHE A 184 -10.86 21.13 -9.94
C PHE A 184 -11.07 22.49 -9.30
N GLY A 185 -10.53 23.52 -9.93
CA GLY A 185 -10.68 24.88 -9.45
C GLY A 185 -11.09 25.75 -10.61
N ILE A 186 -11.85 26.80 -10.35
CA ILE A 186 -12.30 27.71 -11.41
C ILE A 186 -12.01 29.16 -11.04
N LYS A 187 -11.38 29.89 -11.95
CA LYS A 187 -11.05 31.30 -11.76
C LYS A 187 -11.20 32.00 -13.10
N ASP A 188 -12.05 33.02 -13.14
CA ASP A 188 -12.33 33.80 -14.36
C ASP A 188 -12.87 32.97 -15.52
N GLY A 189 -13.78 32.05 -15.22
CA GLY A 189 -14.38 31.20 -16.24
C GLY A 189 -13.43 30.19 -16.87
N ILE A 190 -12.30 29.95 -16.22
CA ILE A 190 -11.31 29.00 -16.71
C ILE A 190 -11.22 27.81 -15.75
N LEU A 191 -11.14 26.60 -16.29
CA LEU A 191 -11.08 25.39 -15.48
C LEU A 191 -9.65 24.92 -15.28
N TYR A 192 -9.24 24.78 -14.02
CA TYR A 192 -7.89 24.36 -13.67
C TYR A 192 -7.85 23.02 -12.94
N THR A 193 -6.89 22.18 -13.30
CA THR A 193 -6.74 20.89 -12.63
C THR A 193 -5.32 20.37 -12.83
N HIS A 194 -4.80 19.65 -11.84
CA HIS A 194 -3.45 19.07 -11.90
C HIS A 194 -3.33 18.12 -13.10
N PRO A 195 -2.21 18.21 -13.87
CA PRO A 195 -2.02 17.33 -15.02
C PRO A 195 -1.93 15.85 -14.63
N ALA A 196 -2.23 14.98 -15.59
CA ALA A 196 -2.21 13.54 -15.38
C ALA A 196 -0.82 12.93 -15.42
N ASN A 197 -0.08 13.03 -14.32
CA ASN A 197 1.25 12.43 -14.26
C ASN A 197 1.26 11.39 -13.14
N ASN A 198 2.44 10.99 -12.68
CA ASN A 198 2.56 9.99 -11.62
C ASN A 198 2.04 10.48 -10.28
N MET A 199 1.70 11.75 -10.19
CA MET A 199 1.22 12.36 -8.95
C MET A 199 -0.27 12.21 -8.66
N ILE A 200 -1.07 11.87 -9.68
CA ILE A 200 -2.52 11.71 -9.51
C ILE A 200 -3.07 10.55 -10.33
N LEU A 201 -4.33 10.22 -10.07
CA LEU A 201 -5.05 9.17 -10.80
C LEU A 201 -5.81 9.92 -11.89
N LYS A 202 -5.70 9.48 -13.14
CA LYS A 202 -6.42 10.12 -14.24
C LYS A 202 -7.85 9.59 -14.15
N GLY A 203 -8.69 10.26 -13.35
CA GLY A 203 -10.07 9.83 -13.15
C GLY A 203 -10.96 9.80 -14.38
N ILE A 204 -11.93 8.91 -14.38
CA ILE A 204 -12.84 8.80 -15.52
C ILE A 204 -13.81 9.99 -15.46
N THR A 205 -14.28 10.30 -14.27
CA THR A 205 -15.21 11.42 -14.10
C THR A 205 -14.49 12.70 -14.51
N ARG A 206 -13.22 12.76 -14.15
CA ARG A 206 -12.34 13.88 -14.47
C ARG A 206 -12.33 14.13 -15.98
N ASP A 207 -12.05 13.08 -16.76
CA ASP A 207 -12.02 13.19 -18.22
C ASP A 207 -13.38 13.59 -18.77
N VAL A 208 -14.44 13.05 -18.19
CA VAL A 208 -15.79 13.37 -18.62
C VAL A 208 -16.08 14.85 -18.38
N VAL A 209 -15.64 15.36 -17.22
CA VAL A 209 -15.86 16.77 -16.88
C VAL A 209 -15.06 17.66 -17.83
N ILE A 210 -13.96 17.15 -18.36
CA ILE A 210 -13.13 17.88 -19.31
C ILE A 210 -13.77 17.81 -20.71
N ALA A 211 -14.53 16.76 -20.95
CA ALA A 211 -15.25 16.62 -22.21
C ALA A 211 -16.42 17.61 -22.16
N CYS A 212 -17.05 17.71 -20.99
CA CYS A 212 -18.17 18.64 -20.75
C CYS A 212 -17.76 20.10 -20.86
N ALA A 213 -16.54 20.42 -20.43
CA ALA A 213 -16.05 21.80 -20.49
C ALA A 213 -15.88 22.23 -21.93
N ASN A 214 -15.27 21.38 -22.75
CA ASN A 214 -15.04 21.69 -24.16
C ASN A 214 -16.36 21.85 -24.90
N GLU A 215 -17.37 21.07 -24.50
CA GLU A 215 -18.69 21.13 -25.12
C GLU A 215 -19.43 22.43 -24.83
N ILE A 216 -19.17 23.04 -23.67
CA ILE A 216 -19.82 24.30 -23.31
C ILE A 216 -18.92 25.51 -23.51
N ASN A 217 -17.90 25.36 -24.37
CA ASN A 217 -16.97 26.43 -24.69
C ASN A 217 -16.24 27.00 -23.47
N MET A 218 -15.78 26.11 -22.61
CA MET A 218 -15.06 26.54 -21.42
C MET A 218 -13.59 26.13 -21.53
N PRO A 219 -12.68 27.11 -21.48
CA PRO A 219 -11.24 26.85 -21.57
C PRO A 219 -10.69 26.04 -20.38
N VAL A 220 -9.87 25.03 -20.68
CA VAL A 220 -9.30 24.15 -19.67
C VAL A 220 -7.78 24.20 -19.68
N LYS A 221 -7.21 24.44 -18.51
CA LYS A 221 -5.76 24.51 -18.34
C LYS A 221 -5.29 23.48 -17.31
N GLU A 222 -4.55 22.48 -17.75
CA GLU A 222 -4.03 21.44 -16.85
C GLU A 222 -2.71 21.87 -16.23
N ILE A 223 -2.81 22.88 -15.37
CA ILE A 223 -1.67 23.46 -14.66
C ILE A 223 -1.93 23.29 -13.16
N PRO A 224 -0.93 22.84 -12.40
CA PRO A 224 -1.08 22.64 -10.95
C PRO A 224 -1.22 23.97 -10.20
N PHE A 225 -1.94 23.93 -9.08
CA PHE A 225 -2.10 25.12 -8.27
C PHE A 225 -1.79 24.79 -6.82
N THR A 226 -1.38 25.80 -6.05
CA THR A 226 -1.02 25.62 -4.66
C THR A 226 -2.20 25.77 -3.72
N THR A 227 -1.98 25.52 -2.43
CA THR A 227 -3.03 25.63 -1.43
C THR A 227 -3.50 27.07 -1.31
N HIS A 228 -2.56 28.00 -1.38
CA HIS A 228 -2.88 29.42 -1.28
C HIS A 228 -3.72 29.86 -2.48
N GLU A 229 -3.45 29.29 -3.65
CA GLU A 229 -4.19 29.62 -4.88
C GLU A 229 -5.58 28.98 -4.90
N ALA A 230 -5.73 27.82 -4.27
CA ALA A 230 -7.01 27.12 -4.21
C ALA A 230 -8.03 27.95 -3.42
N LEU A 231 -7.57 28.56 -2.33
CA LEU A 231 -8.41 29.39 -1.49
C LEU A 231 -8.83 30.70 -2.16
N LYS A 232 -8.17 31.08 -3.26
CA LYS A 232 -8.48 32.30 -3.99
C LYS A 232 -9.31 32.00 -5.24
N MET A 233 -9.72 30.74 -5.39
CA MET A 233 -10.52 30.33 -6.55
C MET A 233 -11.95 30.83 -6.44
N ASP A 234 -12.61 31.00 -7.58
CA ASP A 234 -14.01 31.44 -7.58
C ASP A 234 -14.86 30.23 -7.22
N GLU A 235 -14.48 29.07 -7.75
CA GLU A 235 -15.21 27.84 -7.49
C GLU A 235 -14.26 26.66 -7.30
N LEU A 236 -14.71 25.67 -6.54
CA LEU A 236 -13.93 24.47 -6.25
C LEU A 236 -14.88 23.28 -6.26
N PHE A 237 -14.43 22.14 -6.76
CA PHE A 237 -15.26 20.94 -6.75
C PHE A 237 -14.43 19.69 -6.97
N VAL A 238 -14.90 18.56 -6.44
CA VAL A 238 -14.22 17.28 -6.57
C VAL A 238 -15.04 16.33 -7.43
N THR A 239 -14.37 15.41 -8.10
CA THR A 239 -15.03 14.43 -8.96
C THR A 239 -14.64 12.98 -8.67
N SER A 240 -15.59 12.07 -8.83
CA SER A 240 -15.37 10.65 -8.65
C SER A 240 -16.60 9.89 -9.14
N THR A 241 -16.41 8.62 -9.47
CA THR A 241 -17.50 7.78 -9.96
C THR A 241 -18.73 7.81 -9.05
N THR A 242 -18.54 7.92 -7.73
CA THR A 242 -19.66 7.95 -6.79
C THR A 242 -20.12 9.35 -6.32
N SER A 243 -19.19 10.31 -6.29
CA SER A 243 -19.52 11.68 -5.87
C SER A 243 -19.96 12.52 -7.06
N GLU A 244 -19.71 12.00 -8.27
CA GLU A 244 -20.02 12.70 -9.50
C GLU A 244 -19.30 14.06 -9.45
N ILE A 245 -20.05 15.16 -9.49
CA ILE A 245 -19.46 16.49 -9.41
C ILE A 245 -19.97 17.13 -8.12
N THR A 246 -19.20 17.00 -7.05
CA THR A 246 -19.57 17.54 -5.76
C THR A 246 -18.85 18.86 -5.48
N PRO A 247 -19.62 19.93 -5.28
CA PRO A 247 -19.07 21.26 -5.02
C PRO A 247 -18.47 21.40 -3.63
N VAL A 248 -17.26 21.96 -3.56
CA VAL A 248 -16.59 22.19 -2.29
C VAL A 248 -16.80 23.68 -2.00
N ILE A 249 -17.49 24.01 -0.91
CA ILE A 249 -17.78 25.40 -0.59
C ILE A 249 -16.98 25.97 0.60
N GLU A 250 -16.16 25.15 1.23
CA GLU A 250 -15.38 25.60 2.36
C GLU A 250 -14.21 24.67 2.59
N ILE A 251 -13.09 25.22 3.03
CA ILE A 251 -11.90 24.43 3.34
C ILE A 251 -11.32 24.97 4.63
N ASP A 252 -11.37 24.17 5.69
CA ASP A 252 -10.82 24.56 6.98
C ASP A 252 -11.35 25.88 7.53
N GLY A 253 -12.67 26.06 7.45
CA GLY A 253 -13.28 27.27 7.95
C GLY A 253 -13.16 28.46 7.02
N LYS A 254 -12.54 28.28 5.86
CA LYS A 254 -12.40 29.37 4.91
C LYS A 254 -13.35 29.15 3.73
N LEU A 255 -14.32 30.05 3.59
CA LEU A 255 -15.30 29.95 2.51
C LEU A 255 -14.67 30.17 1.15
N ILE A 256 -15.13 29.42 0.17
CA ILE A 256 -14.65 29.58 -1.19
C ILE A 256 -15.57 30.65 -1.75
N ARG A 257 -15.06 31.87 -1.83
CA ARG A 257 -15.82 33.02 -2.33
C ARG A 257 -16.94 33.32 -1.34
N ASP A 258 -18.19 33.12 -1.76
CA ASP A 258 -19.34 33.39 -0.90
C ASP A 258 -19.95 32.17 -0.20
N GLY A 259 -19.37 31.00 -0.45
CA GLY A 259 -19.87 29.78 0.18
C GLY A 259 -21.08 29.15 -0.49
N LYS A 260 -21.35 29.52 -1.74
CA LYS A 260 -22.50 28.98 -2.48
C LYS A 260 -21.95 28.28 -3.73
N VAL A 261 -22.72 27.33 -4.27
CA VAL A 261 -22.29 26.63 -5.47
C VAL A 261 -22.21 27.65 -6.62
N GLY A 262 -21.06 27.73 -7.26
CA GLY A 262 -20.87 28.67 -8.34
C GLY A 262 -21.60 28.38 -9.64
N GLU A 263 -21.59 29.38 -10.51
CA GLU A 263 -22.23 29.35 -11.82
C GLU A 263 -21.69 28.25 -12.76
N TRP A 264 -20.37 28.19 -12.93
CA TRP A 264 -19.76 27.21 -13.83
C TRP A 264 -19.87 25.76 -13.35
N THR A 265 -19.97 25.56 -12.03
CA THR A 265 -20.11 24.21 -11.47
C THR A 265 -21.49 23.70 -11.89
N ARG A 266 -22.51 24.54 -11.74
CA ARG A 266 -23.88 24.18 -12.12
C ARG A 266 -23.98 23.85 -13.59
N LYS A 267 -23.36 24.68 -14.44
CA LYS A 267 -23.40 24.43 -15.88
C LYS A 267 -22.73 23.08 -16.18
N LEU A 268 -21.63 22.81 -15.49
CA LEU A 268 -20.91 21.56 -15.69
C LEU A 268 -21.74 20.38 -15.21
N GLN A 269 -22.45 20.54 -14.09
CA GLN A 269 -23.31 19.48 -13.56
C GLN A 269 -24.46 19.23 -14.53
N LYS A 270 -25.01 20.31 -15.08
CA LYS A 270 -26.10 20.22 -16.03
C LYS A 270 -25.67 19.50 -17.31
N GLN A 271 -24.46 19.76 -17.78
CA GLN A 271 -23.96 19.12 -18.99
C GLN A 271 -23.64 17.65 -18.73
N PHE A 272 -23.12 17.36 -17.54
CA PHE A 272 -22.77 16.00 -17.14
C PHE A 272 -24.04 15.13 -17.12
N GLU A 273 -25.12 15.73 -16.62
CA GLU A 273 -26.42 15.09 -16.50
C GLU A 273 -26.94 14.53 -17.80
N THR A 274 -26.55 15.13 -18.92
CA THR A 274 -26.99 14.66 -20.23
C THR A 274 -26.30 13.37 -20.69
N LYS A 275 -25.31 12.91 -19.92
CA LYS A 275 -24.57 11.70 -20.28
C LYS A 275 -24.99 10.49 -19.48
N ILE A 276 -25.67 10.73 -18.37
CA ILE A 276 -26.18 9.70 -17.48
C ILE A 276 -27.27 8.90 -18.20
N PRO A 277 -27.23 7.56 -18.11
CA PRO A 277 -28.23 6.70 -18.75
C PRO A 277 -29.64 6.97 -18.24
N GLY B 1 -0.67 -27.66 8.09
CA GLY B 1 -0.28 -27.27 9.45
C GLY B 1 -1.39 -26.49 10.13
N TYR B 2 -1.05 -25.75 11.16
CA TYR B 2 -2.03 -24.96 11.91
C TYR B 2 -1.75 -23.47 11.77
N THR B 3 -2.83 -22.69 11.74
CA THR B 3 -2.76 -21.25 11.62
C THR B 3 -3.43 -20.62 12.84
N LEU B 4 -2.97 -19.42 13.21
CA LEU B 4 -3.53 -18.65 14.32
C LEU B 4 -4.57 -17.72 13.68
N TRP B 5 -5.84 -17.89 14.05
CA TRP B 5 -6.94 -17.09 13.53
C TRP B 5 -7.57 -16.43 14.74
N ASN B 6 -7.23 -15.17 14.94
CA ASN B 6 -7.68 -14.36 16.08
C ASN B 6 -7.05 -14.98 17.32
N ASP B 7 -7.84 -15.64 18.18
CA ASP B 7 -7.26 -16.27 19.37
C ASP B 7 -7.39 -17.79 19.36
N GLN B 8 -7.62 -18.34 18.17
CA GLN B 8 -7.78 -19.78 18.02
C GLN B 8 -6.74 -20.41 17.12
N ILE B 9 -6.39 -21.66 17.41
CA ILE B 9 -5.43 -22.40 16.60
C ILE B 9 -6.27 -23.36 15.78
N VAL B 10 -6.25 -23.20 14.46
CA VAL B 10 -7.06 -24.05 13.58
C VAL B 10 -6.24 -24.64 12.42
N LYS B 11 -6.78 -25.70 11.80
CA LYS B 11 -6.11 -26.31 10.66
C LYS B 11 -6.18 -25.28 9.54
N ASP B 12 -5.11 -25.18 8.74
CA ASP B 12 -5.03 -24.22 7.62
C ASP B 12 -6.27 -24.14 6.74
N GLU B 13 -6.90 -25.28 6.51
CA GLU B 13 -8.08 -25.39 5.67
C GLU B 13 -9.33 -24.67 6.16
N GLU B 14 -9.47 -24.56 7.48
CA GLU B 14 -10.64 -23.91 8.08
C GLU B 14 -10.64 -22.38 7.97
N VAL B 15 -9.49 -21.81 7.65
CA VAL B 15 -9.35 -20.36 7.57
C VAL B 15 -9.80 -19.74 6.26
N LYS B 16 -10.69 -18.76 6.35
CA LYS B 16 -11.15 -18.06 5.15
C LYS B 16 -11.25 -16.56 5.39
N ILE B 17 -10.74 -15.80 4.44
CA ILE B 17 -10.72 -14.36 4.52
C ILE B 17 -11.94 -13.79 3.79
N ASP B 18 -12.59 -12.80 4.40
CA ASP B 18 -13.76 -12.15 3.82
C ASP B 18 -13.30 -11.18 2.75
N LYS B 19 -14.08 -11.04 1.68
CA LYS B 19 -13.72 -10.15 0.59
C LYS B 19 -13.65 -8.68 1.01
N GLU B 20 -14.30 -8.34 2.12
CA GLU B 20 -14.30 -6.97 2.61
C GLU B 20 -13.41 -6.73 3.82
N ASP B 21 -12.43 -7.60 3.98
CA ASP B 21 -11.47 -7.46 5.05
C ASP B 21 -10.66 -6.25 4.58
N ARG B 22 -10.45 -5.28 5.46
CA ARG B 22 -9.72 -4.08 5.09
C ARG B 22 -8.26 -4.30 4.68
N GLY B 23 -7.71 -5.45 5.04
CA GLY B 23 -6.35 -5.77 4.66
C GLY B 23 -6.32 -6.28 3.22
N TYR B 24 -7.47 -6.69 2.73
CA TYR B 24 -7.59 -7.19 1.36
C TYR B 24 -7.99 -6.07 0.39
N GLN B 25 -8.75 -5.10 0.90
CA GLN B 25 -9.18 -3.98 0.06
C GLN B 25 -8.33 -2.70 0.14
N PHE B 26 -7.67 -2.45 1.28
CA PHE B 26 -6.86 -1.24 1.44
C PHE B 26 -5.43 -1.47 1.93
N GLY B 27 -5.10 -2.71 2.24
CA GLY B 27 -3.78 -3.00 2.78
C GLY B 27 -3.72 -2.39 4.17
N ASP B 28 -4.90 -2.26 4.78
CA ASP B 28 -5.09 -1.65 6.09
C ASP B 28 -4.74 -2.59 7.22
N GLY B 29 -3.45 -2.72 7.47
CA GLY B 29 -2.98 -3.58 8.53
C GLY B 29 -1.47 -3.51 8.68
N VAL B 30 -0.95 -4.21 9.69
CA VAL B 30 0.47 -4.23 9.97
C VAL B 30 0.92 -5.68 10.16
N TYR B 31 2.23 -5.93 10.15
CA TYR B 31 2.73 -7.29 10.32
C TYR B 31 4.12 -7.35 10.95
N GLU B 32 4.54 -8.58 11.26
CA GLU B 32 5.86 -8.83 11.83
C GLU B 32 6.31 -10.19 11.37
N VAL B 33 7.62 -10.41 11.44
CA VAL B 33 8.24 -11.68 11.11
C VAL B 33 9.24 -11.92 12.24
N VAL B 34 9.18 -13.12 12.82
CA VAL B 34 10.06 -13.52 13.91
C VAL B 34 10.80 -14.80 13.54
N LYS B 35 12.12 -14.80 13.73
CA LYS B 35 12.94 -15.98 13.42
C LYS B 35 12.96 -16.92 14.61
N VAL B 36 12.88 -18.21 14.33
CA VAL B 36 12.89 -19.25 15.34
C VAL B 36 14.15 -20.07 15.08
N TYR B 37 14.94 -20.28 16.12
CA TYR B 37 16.17 -21.05 15.99
C TYR B 37 16.03 -22.23 16.93
N ASN B 38 15.88 -23.42 16.35
CA ASN B 38 15.73 -24.65 17.12
C ASN B 38 14.68 -24.55 18.21
N GLY B 39 13.48 -24.13 17.83
CA GLY B 39 12.37 -24.02 18.78
C GLY B 39 12.27 -22.75 19.59
N GLU B 40 13.35 -21.97 19.65
CA GLU B 40 13.34 -20.73 20.42
C GLU B 40 13.17 -19.48 19.56
N MET B 41 12.24 -18.63 19.97
CA MET B 41 11.98 -17.38 19.26
C MET B 41 13.05 -16.33 19.56
N PHE B 42 13.63 -15.76 18.52
CA PHE B 42 14.66 -14.75 18.67
C PHE B 42 14.03 -13.36 18.78
N THR B 43 14.48 -12.58 19.77
CA THR B 43 14.00 -11.23 20.04
C THR B 43 12.49 -11.08 19.87
N VAL B 44 11.73 -11.99 20.48
CA VAL B 44 10.29 -11.96 20.37
C VAL B 44 9.61 -10.76 21.05
N ASN B 45 10.14 -10.31 22.19
CA ASN B 45 9.55 -9.17 22.89
C ASN B 45 9.66 -7.89 22.07
N GLU B 46 10.78 -7.72 21.38
CA GLU B 46 11.03 -6.54 20.55
C GLU B 46 10.08 -6.49 19.34
N HIS B 47 9.85 -7.64 18.72
CA HIS B 47 8.96 -7.70 17.57
C HIS B 47 7.52 -7.44 17.99
N ILE B 48 7.13 -7.96 19.15
CA ILE B 48 5.77 -7.76 19.66
C ILE B 48 5.60 -6.27 19.93
N ASP B 49 6.62 -5.67 20.55
CA ASP B 49 6.61 -4.24 20.87
C ASP B 49 6.41 -3.44 19.59
N ARG B 50 7.12 -3.80 18.53
CA ARG B 50 6.99 -3.08 17.27
C ARG B 50 5.63 -3.30 16.59
N LEU B 51 5.04 -4.50 16.73
CA LEU B 51 3.73 -4.76 16.11
C LEU B 51 2.69 -3.83 16.73
N TYR B 52 2.73 -3.72 18.05
CA TYR B 52 1.80 -2.87 18.78
C TYR B 52 2.06 -1.40 18.50
N ALA B 53 3.32 -1.06 18.22
CA ALA B 53 3.69 0.32 17.91
C ALA B 53 3.16 0.66 16.52
N SER B 54 3.34 -0.26 15.57
CA SER B 54 2.87 -0.04 14.20
C SER B 54 1.36 0.08 14.17
N ALA B 55 0.67 -0.80 14.89
CA ALA B 55 -0.79 -0.79 14.95
C ALA B 55 -1.29 0.54 15.49
N GLU B 56 -0.67 0.99 16.58
CA GLU B 56 -1.03 2.26 17.22
C GLU B 56 -0.83 3.45 16.28
N LYS B 57 0.18 3.40 15.42
CA LYS B 57 0.45 4.50 14.50
C LYS B 57 -0.66 4.69 13.48
N ILE B 58 -1.37 3.62 13.13
CA ILE B 58 -2.48 3.71 12.19
C ILE B 58 -3.83 3.54 12.91
N ARG B 59 -3.78 3.65 14.23
CA ARG B 59 -4.93 3.57 15.11
C ARG B 59 -5.75 2.27 15.12
N ILE B 60 -5.05 1.14 15.17
CA ILE B 60 -5.69 -0.17 15.22
C ILE B 60 -5.48 -0.64 16.66
N THR B 61 -6.57 -0.99 17.33
CA THR B 61 -6.50 -1.46 18.71
C THR B 61 -6.52 -2.99 18.75
N ILE B 62 -5.37 -3.59 19.10
CA ILE B 62 -5.27 -5.03 19.19
C ILE B 62 -6.00 -5.45 20.48
N PRO B 63 -7.02 -6.31 20.35
CA PRO B 63 -7.85 -6.80 21.47
C PRO B 63 -7.23 -7.67 22.56
N TYR B 64 -5.99 -8.14 22.36
CA TYR B 64 -5.34 -8.98 23.35
C TYR B 64 -4.13 -8.25 23.95
N THR B 65 -3.73 -8.64 25.17
CA THR B 65 -2.57 -8.02 25.79
C THR B 65 -1.31 -8.63 25.18
N LYS B 66 -0.17 -8.00 25.42
CA LYS B 66 1.09 -8.52 24.88
C LYS B 66 1.41 -9.90 25.48
N ASP B 67 0.97 -10.14 26.71
CA ASP B 67 1.21 -11.43 27.35
C ASP B 67 0.42 -12.54 26.63
N LYS B 68 -0.84 -12.26 26.31
CA LYS B 68 -1.70 -13.21 25.61
C LYS B 68 -1.18 -13.48 24.20
N PHE B 69 -0.77 -12.42 23.50
CA PHE B 69 -0.26 -12.57 22.14
C PHE B 69 1.00 -13.43 22.17
N HIS B 70 1.80 -13.26 23.22
CA HIS B 70 3.04 -14.01 23.39
C HIS B 70 2.72 -15.48 23.58
N GLN B 71 1.73 -15.78 24.43
CA GLN B 71 1.33 -17.16 24.67
C GLN B 71 0.80 -17.76 23.38
N LEU B 72 0.06 -16.97 22.62
CA LEU B 72 -0.49 -17.42 21.35
C LEU B 72 0.63 -17.85 20.40
N LEU B 73 1.67 -17.02 20.30
CA LEU B 73 2.80 -17.33 19.43
C LEU B 73 3.49 -18.62 19.86
N HIS B 74 3.60 -18.84 21.17
CA HIS B 74 4.25 -20.04 21.66
C HIS B 74 3.46 -21.28 21.29
N GLU B 75 2.13 -21.20 21.42
CA GLU B 75 1.24 -22.31 21.08
C GLU B 75 1.33 -22.65 19.59
N LEU B 76 1.45 -21.62 18.75
CA LEU B 76 1.55 -21.79 17.30
C LEU B 76 2.85 -22.52 16.93
N VAL B 77 3.93 -22.22 17.64
CA VAL B 77 5.23 -22.87 17.39
C VAL B 77 5.18 -24.33 17.83
N GLU B 78 4.66 -24.59 19.02
CA GLU B 78 4.56 -25.95 19.54
C GLU B 78 3.68 -26.85 18.69
N LYS B 79 2.54 -26.34 18.24
CA LYS B 79 1.60 -27.14 17.44
C LYS B 79 2.11 -27.46 16.03
N ASN B 80 2.91 -26.57 15.45
CA ASN B 80 3.45 -26.79 14.11
C ASN B 80 4.80 -27.49 14.14
N GLU B 81 5.32 -27.69 15.34
CA GLU B 81 6.61 -28.36 15.56
C GLU B 81 7.69 -27.66 14.75
N LEU B 82 7.74 -26.34 14.90
CA LEU B 82 8.71 -25.53 14.18
C LEU B 82 10.09 -25.60 14.83
N ASN B 83 11.08 -26.00 14.04
CA ASN B 83 12.45 -26.10 14.54
C ASN B 83 13.19 -24.83 14.20
N THR B 84 13.53 -24.64 12.93
CA THR B 84 14.23 -23.45 12.47
C THR B 84 13.49 -22.82 11.29
N GLY B 85 13.07 -21.57 11.45
CA GLY B 85 12.36 -20.88 10.40
C GLY B 85 11.84 -19.58 10.95
N HIS B 86 10.60 -19.24 10.61
CA HIS B 86 10.03 -17.99 11.10
C HIS B 86 8.51 -18.04 11.23
N ILE B 87 7.98 -17.09 11.99
CA ILE B 87 6.55 -16.97 12.21
C ILE B 87 6.14 -15.69 11.51
N TYR B 88 5.04 -15.73 10.76
CA TYR B 88 4.52 -14.54 10.11
C TYR B 88 3.16 -14.25 10.74
N PHE B 89 2.95 -13.02 11.19
CA PHE B 89 1.67 -12.63 11.76
C PHE B 89 1.28 -11.22 11.38
N GLN B 90 -0.01 -11.01 11.15
CA GLN B 90 -0.50 -9.70 10.75
C GLN B 90 -1.84 -9.40 11.40
N VAL B 91 -2.16 -8.11 11.50
CA VAL B 91 -3.40 -7.62 12.09
C VAL B 91 -4.00 -6.60 11.13
N THR B 92 -5.26 -6.78 10.73
CA THR B 92 -5.90 -5.81 9.83
C THR B 92 -6.99 -5.13 10.66
N ARG B 93 -7.53 -4.01 10.18
CA ARG B 93 -8.57 -3.32 10.94
C ARG B 93 -9.87 -4.13 11.08
N GLY B 94 -10.08 -5.09 10.19
CA GLY B 94 -11.29 -5.92 10.27
C GLY B 94 -12.16 -5.89 9.03
N THR B 95 -13.29 -6.60 9.11
CA THR B 95 -14.27 -6.70 8.02
C THR B 95 -15.40 -5.71 8.23
N SER B 96 -15.73 -4.94 7.19
CA SER B 96 -16.79 -3.96 7.29
C SER B 96 -17.11 -3.50 5.88
N PRO B 97 -18.39 -3.16 5.61
CA PRO B 97 -18.76 -2.71 4.26
C PRO B 97 -17.76 -1.65 3.77
N ARG B 98 -17.29 -1.81 2.54
CA ARG B 98 -16.28 -0.91 1.97
C ARG B 98 -16.49 0.59 2.08
N ALA B 99 -15.50 1.26 2.67
CA ALA B 99 -15.48 2.71 2.85
C ALA B 99 -14.05 3.05 3.28
N HIS B 100 -13.52 4.17 2.77
CA HIS B 100 -12.17 4.59 3.12
C HIS B 100 -11.98 4.88 4.60
N GLN B 101 -12.92 5.63 5.20
CA GLN B 101 -12.81 5.98 6.61
C GLN B 101 -12.91 4.76 7.52
N PHE B 102 -12.58 4.96 8.80
CA PHE B 102 -12.64 3.88 9.78
C PHE B 102 -14.08 3.45 9.98
N PRO B 103 -14.32 2.17 10.28
CA PRO B 103 -15.64 1.60 10.50
C PRO B 103 -16.25 2.16 11.79
N GLU B 104 -17.00 1.32 12.48
CA GLU B 104 -17.61 1.71 13.73
C GLU B 104 -16.88 0.79 14.71
N ASN B 105 -16.20 1.40 15.69
CA ASN B 105 -15.44 0.66 16.70
C ASN B 105 -16.25 -0.46 17.34
N THR B 106 -16.42 -1.51 16.57
CA THR B 106 -17.15 -2.72 16.92
C THR B 106 -16.36 -3.76 16.17
N VAL B 107 -16.06 -3.44 14.91
CA VAL B 107 -15.29 -4.31 14.04
C VAL B 107 -14.05 -4.75 14.79
N LYS B 108 -13.99 -6.04 15.10
CA LYS B 108 -12.84 -6.58 15.79
C LYS B 108 -11.78 -6.82 14.73
N PRO B 109 -10.52 -6.51 15.06
CA PRO B 109 -9.43 -6.71 14.10
C PRO B 109 -9.32 -8.20 13.76
N VAL B 110 -8.76 -8.51 12.59
CA VAL B 110 -8.57 -9.89 12.18
C VAL B 110 -7.06 -10.20 12.26
N ILE B 111 -6.72 -11.20 13.08
CA ILE B 111 -5.34 -11.61 13.29
C ILE B 111 -5.07 -12.94 12.59
N ILE B 112 -4.02 -12.99 11.78
CA ILE B 112 -3.64 -14.20 11.07
C ILE B 112 -2.14 -14.46 11.34
N GLY B 113 -1.81 -15.69 11.67
CA GLY B 113 -0.42 -16.05 11.93
C GLY B 113 -0.10 -17.47 11.49
N TYR B 114 1.09 -17.69 10.94
CA TYR B 114 1.48 -19.02 10.51
C TYR B 114 2.99 -19.21 10.51
N THR B 115 3.43 -20.45 10.39
CA THR B 115 4.85 -20.78 10.42
C THR B 115 5.39 -21.34 9.11
N LYS B 116 6.72 -21.39 9.00
CA LYS B 116 7.40 -21.93 7.84
C LYS B 116 8.82 -22.36 8.19
N GLU B 117 9.20 -23.58 7.79
CA GLU B 117 10.54 -24.11 8.04
C GLU B 117 11.47 -23.46 7.03
N ASN B 118 12.57 -22.90 7.51
CA ASN B 118 13.52 -22.24 6.64
C ASN B 118 14.87 -22.13 7.34
N PRO B 119 15.89 -22.81 6.81
CA PRO B 119 17.23 -22.76 7.42
C PRO B 119 17.88 -21.41 7.23
N ARG B 120 18.95 -21.18 7.99
CA ARG B 120 19.70 -19.93 7.89
C ARG B 120 20.35 -19.90 6.51
N PRO B 121 20.45 -18.70 5.90
CA PRO B 121 21.06 -18.58 4.58
C PRO B 121 22.59 -18.55 4.70
N LEU B 122 23.14 -19.62 5.29
CA LEU B 122 24.57 -19.74 5.53
C LEU B 122 25.49 -19.40 4.36
N GLU B 123 25.17 -19.88 3.15
CA GLU B 123 26.01 -19.58 2.00
C GLU B 123 26.10 -18.08 1.69
N ASN B 124 25.00 -17.35 1.84
CA ASN B 124 25.00 -15.92 1.59
C ASN B 124 25.82 -15.16 2.66
N LEU B 125 25.79 -15.65 3.90
CA LEU B 125 26.52 -15.00 4.99
C LEU B 125 28.04 -15.13 4.80
N GLU B 126 28.43 -16.26 4.25
CA GLU B 126 29.82 -16.61 4.00
C GLU B 126 30.44 -15.96 2.77
N LYS B 127 29.80 -16.10 1.61
CA LYS B 127 30.31 -15.54 0.35
C LYS B 127 29.89 -14.11 0.00
N GLY B 128 28.75 -13.67 0.52
CA GLY B 128 28.29 -12.33 0.20
C GLY B 128 27.38 -12.41 -1.00
N VAL B 129 26.64 -11.34 -1.28
CA VAL B 129 25.72 -11.34 -2.41
C VAL B 129 25.88 -10.09 -3.27
N LYS B 130 25.16 -10.07 -4.39
CA LYS B 130 25.17 -8.96 -5.33
C LYS B 130 23.91 -8.14 -5.09
N ALA B 131 23.99 -6.82 -5.24
CA ALA B 131 22.84 -5.94 -5.04
C ALA B 131 22.73 -4.95 -6.21
N THR B 132 21.69 -4.11 -6.18
CA THR B 132 21.48 -3.15 -7.24
C THR B 132 20.74 -1.94 -6.67
N PHE B 133 21.03 -0.76 -7.21
CA PHE B 133 20.39 0.48 -6.76
C PHE B 133 19.06 0.67 -7.48
N VAL B 134 18.00 0.91 -6.71
CA VAL B 134 16.69 1.13 -7.30
C VAL B 134 16.07 2.35 -6.65
N GLU B 135 15.45 3.21 -7.44
CA GLU B 135 14.81 4.42 -6.95
C GLU B 135 13.74 4.07 -5.94
N ASP B 136 13.75 4.75 -4.80
CA ASP B 136 12.78 4.51 -3.74
C ASP B 136 11.54 5.35 -4.05
N ILE B 137 10.43 4.69 -4.38
CA ILE B 137 9.20 5.39 -4.71
C ILE B 137 8.10 5.18 -3.68
N ARG B 138 8.43 4.53 -2.58
CA ARG B 138 7.45 4.24 -1.53
C ARG B 138 6.88 5.50 -0.86
N TRP B 139 5.88 5.31 0.00
CA TRP B 139 5.28 6.43 0.68
C TRP B 139 6.18 6.99 1.78
N LEU B 140 5.77 8.10 2.37
CA LEU B 140 6.58 8.77 3.39
C LEU B 140 6.41 8.32 4.83
N ARG B 141 5.87 7.13 5.06
CA ARG B 141 5.71 6.64 6.42
C ARG B 141 6.27 5.22 6.52
N CYS B 142 7.52 5.09 6.10
CA CYS B 142 8.22 3.80 6.11
C CYS B 142 8.54 3.28 7.50
N ASP B 143 8.30 4.11 8.51
CA ASP B 143 8.54 3.68 9.89
C ASP B 143 7.43 2.72 10.36
N ILE B 144 6.29 2.73 9.65
CA ILE B 144 5.17 1.84 9.97
C ILE B 144 5.36 0.59 9.16
N LYS B 145 5.33 -0.57 9.81
CA LYS B 145 5.50 -1.84 9.12
C LYS B 145 4.11 -2.31 8.69
N SER B 146 3.58 -1.68 7.64
CA SER B 146 2.25 -1.97 7.14
C SER B 146 2.23 -2.93 5.96
N LEU B 147 1.02 -3.30 5.53
CA LEU B 147 0.82 -4.20 4.41
C LEU B 147 0.88 -3.53 3.05
N ASN B 148 1.13 -2.22 3.02
CA ASN B 148 1.25 -1.48 1.77
C ASN B 148 2.70 -1.69 1.29
N LEU B 149 2.94 -2.83 0.66
CA LEU B 149 4.29 -3.21 0.21
C LEU B 149 4.49 -3.33 -1.29
N LEU B 150 3.68 -2.67 -2.08
CA LEU B 150 3.79 -2.77 -3.53
C LEU B 150 5.10 -2.17 -4.06
N GLY B 151 5.57 -1.11 -3.43
CA GLY B 151 6.82 -0.50 -3.87
C GLY B 151 7.97 -1.49 -3.68
N ALA B 152 7.98 -2.16 -2.52
CA ALA B 152 9.02 -3.15 -2.21
C ALA B 152 8.97 -4.39 -3.09
N VAL B 153 7.79 -4.81 -3.53
CA VAL B 153 7.71 -5.99 -4.38
C VAL B 153 8.25 -5.71 -5.76
N LEU B 154 7.99 -4.50 -6.26
CA LEU B 154 8.47 -4.10 -7.58
C LEU B 154 9.99 -3.91 -7.58
N ALA B 155 10.52 -3.40 -6.48
CA ALA B 155 11.97 -3.21 -6.34
C ALA B 155 12.66 -4.57 -6.24
N LYS B 156 12.08 -5.47 -5.45
CA LYS B 156 12.63 -6.81 -5.27
C LYS B 156 12.65 -7.55 -6.60
N GLN B 157 11.58 -7.40 -7.39
CA GLN B 157 11.48 -8.08 -8.68
C GLN B 157 12.52 -7.54 -9.67
N GLU B 158 12.79 -6.24 -9.63
CA GLU B 158 13.78 -5.66 -10.53
C GLU B 158 15.16 -6.23 -10.16
N ALA B 159 15.38 -6.44 -8.87
CA ALA B 159 16.63 -7.01 -8.37
C ALA B 159 16.77 -8.44 -8.84
N HIS B 160 15.75 -9.25 -8.60
CA HIS B 160 15.75 -10.66 -8.98
C HIS B 160 15.91 -10.89 -10.49
N GLU B 161 15.41 -9.97 -11.30
CA GLU B 161 15.52 -10.10 -12.75
C GLU B 161 16.95 -9.85 -13.23
N LYS B 162 17.69 -9.00 -12.51
CA LYS B 162 19.06 -8.67 -12.85
C LYS B 162 20.04 -9.67 -12.26
N GLY B 163 19.53 -10.68 -11.56
CA GLY B 163 20.38 -11.68 -10.95
C GLY B 163 20.99 -11.20 -9.64
N CYS B 164 20.35 -10.22 -9.02
CA CYS B 164 20.83 -9.67 -7.76
C CYS B 164 19.93 -10.12 -6.61
N TYR B 165 20.48 -10.19 -5.40
CA TYR B 165 19.74 -10.63 -4.24
C TYR B 165 18.86 -9.58 -3.58
N GLU B 166 19.31 -8.33 -3.59
CA GLU B 166 18.57 -7.27 -2.96
C GLU B 166 18.69 -5.94 -3.69
N ALA B 167 17.65 -5.14 -3.58
CA ALA B 167 17.61 -3.83 -4.19
C ALA B 167 17.90 -2.84 -3.07
N ILE B 168 18.91 -2.01 -3.28
CA ILE B 168 19.26 -1.00 -2.29
C ILE B 168 18.53 0.22 -2.81
N LEU B 169 17.61 0.74 -2.00
CA LEU B 169 16.80 1.88 -2.41
C LEU B 169 17.41 3.23 -2.06
N HIS B 170 17.15 4.22 -2.90
CA HIS B 170 17.67 5.56 -2.70
C HIS B 170 16.68 6.64 -3.13
N ARG B 171 16.67 7.75 -2.38
CA ARG B 171 15.82 8.90 -2.70
C ARG B 171 16.83 10.00 -3.05
N ASN B 172 16.81 10.46 -4.30
CA ASN B 172 17.73 11.51 -4.79
C ASN B 172 19.22 11.16 -4.58
N ASN B 173 19.52 9.86 -4.70
CA ASN B 173 20.87 9.31 -4.54
C ASN B 173 21.33 9.09 -3.11
N THR B 174 20.47 9.37 -2.13
CA THR B 174 20.78 9.15 -0.72
C THR B 174 20.22 7.77 -0.38
N VAL B 175 21.09 6.84 0.00
CA VAL B 175 20.67 5.48 0.34
C VAL B 175 19.78 5.45 1.58
N THR B 176 18.70 4.68 1.52
CA THR B 176 17.77 4.54 2.64
C THR B 176 17.84 3.15 3.27
N GLU B 177 17.25 2.15 2.62
CA GLU B 177 17.26 0.77 3.11
C GLU B 177 17.06 -0.15 1.92
N GLY B 178 17.04 -1.46 2.16
CA GLY B 178 16.82 -2.41 1.07
C GLY B 178 15.32 -2.67 0.95
N SER B 179 14.88 -3.35 -0.11
CA SER B 179 13.45 -3.62 -0.28
C SER B 179 12.86 -4.47 0.85
N SER B 180 13.72 -5.13 1.63
CA SER B 180 13.29 -5.91 2.77
C SER B 180 14.43 -6.05 3.77
N SER B 181 15.21 -4.97 3.92
CA SER B 181 16.34 -4.98 4.84
C SER B 181 16.85 -3.56 5.11
N ASN B 182 17.84 -3.46 6.01
CA ASN B 182 18.46 -2.20 6.35
C ASN B 182 19.87 -2.25 5.78
N VAL B 183 20.44 -1.11 5.45
CA VAL B 183 21.76 -1.08 4.84
C VAL B 183 22.81 -0.38 5.70
N PHE B 184 23.97 -1.03 5.82
CA PHE B 184 25.10 -0.55 6.59
C PHE B 184 26.35 -0.45 5.72
N GLY B 185 27.22 0.51 6.04
CA GLY B 185 28.45 0.69 5.29
C GLY B 185 29.61 0.94 6.24
N ILE B 186 30.78 0.40 5.92
CA ILE B 186 31.96 0.57 6.78
C ILE B 186 33.12 1.23 6.04
N LYS B 187 33.70 2.25 6.66
CA LYS B 187 34.82 2.97 6.09
C LYS B 187 35.75 3.35 7.24
N ASP B 188 36.95 2.78 7.23
CA ASP B 188 37.97 3.02 8.26
C ASP B 188 37.53 2.64 9.67
N GLY B 189 36.94 1.45 9.78
CA GLY B 189 36.49 0.95 11.07
C GLY B 189 35.31 1.66 11.67
N ILE B 190 34.62 2.47 10.88
CA ILE B 190 33.45 3.19 11.36
C ILE B 190 32.20 2.66 10.66
N LEU B 191 31.15 2.43 11.43
CA LEU B 191 29.89 1.90 10.90
C LEU B 191 28.92 3.04 10.60
N TYR B 192 28.42 3.08 9.36
CA TYR B 192 27.47 4.12 8.93
C TYR B 192 26.12 3.49 8.56
N THR B 193 25.03 4.18 8.87
CA THR B 193 23.69 3.71 8.53
C THR B 193 22.68 4.87 8.65
N HIS B 194 21.66 4.85 7.81
CA HIS B 194 20.63 5.88 7.80
C HIS B 194 19.94 5.97 9.16
N PRO B 195 19.77 7.20 9.69
CA PRO B 195 19.12 7.35 11.00
C PRO B 195 17.66 6.85 10.97
N ALA B 196 17.11 6.52 12.13
CA ALA B 196 15.74 6.00 12.17
C ALA B 196 14.67 7.09 12.21
N ASN B 197 14.16 7.42 11.03
CA ASN B 197 13.09 8.39 10.91
C ASN B 197 12.02 7.80 9.98
N ASN B 198 11.12 8.63 9.45
CA ASN B 198 10.04 8.16 8.59
C ASN B 198 10.49 7.55 7.26
N MET B 199 11.77 7.73 6.92
CA MET B 199 12.35 7.23 5.68
C MET B 199 12.69 5.74 5.66
N ILE B 200 12.82 5.13 6.83
CA ILE B 200 13.14 3.71 6.89
C ILE B 200 12.39 3.01 8.01
N LEU B 201 12.49 1.68 8.01
CA LEU B 201 11.87 0.85 9.03
C LEU B 201 12.98 0.64 10.07
N LYS B 202 12.68 0.89 11.35
CA LYS B 202 13.66 0.72 12.40
C LYS B 202 13.81 -0.78 12.65
N GLY B 203 14.54 -1.44 11.76
CA GLY B 203 14.74 -2.88 11.88
C GLY B 203 15.20 -3.36 13.24
N ILE B 204 14.73 -4.54 13.62
CA ILE B 204 15.12 -5.12 14.91
C ILE B 204 16.55 -5.64 14.78
N THR B 205 16.88 -6.20 13.62
CA THR B 205 18.23 -6.71 13.38
C THR B 205 19.20 -5.54 13.37
N ARG B 206 18.81 -4.47 12.68
CA ARG B 206 19.59 -3.25 12.60
C ARG B 206 19.99 -2.80 14.01
N ASP B 207 19.05 -2.84 14.95
CA ASP B 207 19.30 -2.44 16.34
C ASP B 207 20.23 -3.37 17.09
N VAL B 208 20.11 -4.67 16.82
CA VAL B 208 20.96 -5.65 17.46
C VAL B 208 22.41 -5.49 16.95
N VAL B 209 22.56 -5.10 15.68
CA VAL B 209 23.88 -4.91 15.08
C VAL B 209 24.57 -3.67 15.65
N ILE B 210 23.79 -2.64 15.95
CA ILE B 210 24.33 -1.42 16.54
C ILE B 210 24.79 -1.73 17.97
N ALA B 211 24.06 -2.59 18.66
CA ALA B 211 24.40 -3.00 20.02
C ALA B 211 25.69 -3.79 19.98
N CYS B 212 25.82 -4.65 18.97
CA CYS B 212 27.01 -5.47 18.77
C CYS B 212 28.24 -4.60 18.52
N ALA B 213 28.05 -3.50 17.78
CA ALA B 213 29.13 -2.56 17.47
C ALA B 213 29.60 -1.86 18.74
N ASN B 214 28.66 -1.40 19.56
CA ASN B 214 29.00 -0.74 20.83
C ASN B 214 29.74 -1.73 21.73
N GLU B 215 29.39 -3.00 21.64
CA GLU B 215 30.04 -4.03 22.44
C GLU B 215 31.49 -4.31 22.05
N ILE B 216 31.81 -4.25 20.76
CA ILE B 216 33.20 -4.48 20.34
C ILE B 216 33.98 -3.16 20.17
N ASN B 217 33.42 -2.07 20.70
CA ASN B 217 34.02 -0.73 20.65
C ASN B 217 34.24 -0.14 19.26
N MET B 218 33.34 -0.48 18.34
CA MET B 218 33.40 0.04 16.96
C MET B 218 32.46 1.26 16.96
N PRO B 219 32.99 2.46 16.66
CA PRO B 219 32.14 3.66 16.63
C PRO B 219 31.02 3.61 15.58
N VAL B 220 29.87 4.19 15.91
CA VAL B 220 28.73 4.18 15.00
C VAL B 220 28.23 5.59 14.73
N LYS B 221 27.96 5.88 13.46
CA LYS B 221 27.44 7.18 13.05
C LYS B 221 26.16 6.95 12.25
N GLU B 222 25.03 7.37 12.82
CA GLU B 222 23.76 7.20 12.13
C GLU B 222 23.57 8.39 11.20
N ILE B 223 24.41 8.41 10.17
CA ILE B 223 24.44 9.47 9.17
C ILE B 223 24.21 8.86 7.79
N PRO B 224 23.37 9.52 6.96
CA PRO B 224 23.06 9.05 5.60
C PRO B 224 24.21 9.20 4.62
N PHE B 225 24.36 8.22 3.72
CA PHE B 225 25.38 8.28 2.69
C PHE B 225 24.74 8.10 1.31
N THR B 226 25.45 8.51 0.27
CA THR B 226 24.94 8.42 -1.09
C THR B 226 25.35 7.14 -1.79
N THR B 227 24.73 6.90 -2.95
CA THR B 227 25.01 5.71 -3.75
C THR B 227 26.50 5.71 -4.15
N HIS B 228 27.02 6.89 -4.44
CA HIS B 228 28.41 7.05 -4.85
C HIS B 228 29.34 6.80 -3.67
N GLU B 229 28.96 7.31 -2.51
CA GLU B 229 29.75 7.10 -1.30
C GLU B 229 29.74 5.62 -0.90
N ALA B 230 28.62 4.95 -1.17
CA ALA B 230 28.47 3.53 -0.85
C ALA B 230 29.46 2.72 -1.68
N LEU B 231 29.63 3.10 -2.94
CA LEU B 231 30.56 2.41 -3.82
C LEU B 231 32.02 2.63 -3.41
N LYS B 232 32.25 3.67 -2.60
CA LYS B 232 33.59 4.01 -2.09
C LYS B 232 33.85 3.42 -0.70
N MET B 233 32.89 2.64 -0.17
CA MET B 233 33.03 2.02 1.14
C MET B 233 33.99 0.84 1.12
N ASP B 234 34.56 0.52 2.28
CA ASP B 234 35.48 -0.61 2.40
C ASP B 234 34.67 -1.90 2.51
N GLU B 235 33.52 -1.81 3.17
CA GLU B 235 32.64 -2.96 3.35
C GLU B 235 31.19 -2.49 3.33
N LEU B 236 30.28 -3.37 2.95
CA LEU B 236 28.86 -3.04 2.88
C LEU B 236 28.04 -4.30 3.20
N PHE B 237 26.95 -4.17 3.95
CA PHE B 237 26.10 -5.31 4.28
C PHE B 237 24.66 -4.88 4.60
N VAL B 238 23.72 -5.81 4.49
CA VAL B 238 22.31 -5.52 4.79
C VAL B 238 21.83 -6.44 5.92
N THR B 239 20.81 -5.99 6.65
CA THR B 239 20.26 -6.77 7.76
C THR B 239 18.74 -6.94 7.68
N SER B 240 18.25 -8.11 8.12
CA SER B 240 16.81 -8.40 8.21
C SER B 240 16.64 -9.65 9.06
N THR B 241 15.44 -9.85 9.59
CA THR B 241 15.14 -11.00 10.42
C THR B 241 15.48 -12.32 9.76
N THR B 242 15.33 -12.39 8.44
CA THR B 242 15.61 -13.60 7.69
C THR B 242 17.04 -13.66 7.13
N SER B 243 17.56 -12.53 6.66
CA SER B 243 18.90 -12.44 6.10
C SER B 243 20.02 -12.32 7.14
N GLU B 244 19.68 -11.94 8.38
CA GLU B 244 20.67 -11.78 9.45
C GLU B 244 21.68 -10.70 9.04
N ILE B 245 22.96 -11.05 8.89
CA ILE B 245 23.96 -10.09 8.46
C ILE B 245 24.52 -10.58 7.13
N THR B 246 23.95 -10.10 6.03
CA THR B 246 24.37 -10.51 4.70
C THR B 246 25.27 -9.48 4.04
N PRO B 247 26.52 -9.87 3.73
CA PRO B 247 27.51 -8.99 3.10
C PRO B 247 27.19 -8.71 1.63
N VAL B 248 27.39 -7.46 1.23
CA VAL B 248 27.17 -7.08 -0.16
C VAL B 248 28.58 -6.84 -0.72
N ILE B 249 28.99 -7.72 -1.63
CA ILE B 249 30.32 -7.62 -2.21
C ILE B 249 30.38 -7.06 -3.62
N GLU B 250 29.21 -6.73 -4.18
CA GLU B 250 29.14 -6.17 -5.52
C GLU B 250 27.81 -5.48 -5.74
N ILE B 251 27.84 -4.35 -6.45
CA ILE B 251 26.64 -3.58 -6.75
C ILE B 251 26.71 -3.12 -8.21
N ASP B 252 25.81 -3.64 -9.04
CA ASP B 252 25.75 -3.25 -10.46
C ASP B 252 27.05 -3.47 -11.23
N GLY B 253 27.70 -4.60 -10.95
CA GLY B 253 28.94 -4.94 -11.64
C GLY B 253 30.19 -4.25 -11.10
N LYS B 254 30.06 -3.52 -10.00
CA LYS B 254 31.19 -2.81 -9.40
C LYS B 254 31.46 -3.42 -8.02
N LEU B 255 32.61 -4.04 -7.87
CA LEU B 255 32.98 -4.68 -6.60
C LEU B 255 33.20 -3.68 -5.46
N ILE B 256 32.87 -4.11 -4.24
CA ILE B 256 33.06 -3.27 -3.06
C ILE B 256 34.48 -3.63 -2.62
N ARG B 257 35.40 -2.67 -2.74
CA ARG B 257 36.80 -2.86 -2.40
C ARG B 257 37.35 -4.00 -3.25
N ASP B 258 37.73 -5.12 -2.63
CA ASP B 258 38.27 -6.26 -3.36
C ASP B 258 37.20 -7.29 -3.76
N GLY B 259 35.99 -7.13 -3.23
CA GLY B 259 34.92 -8.06 -3.55
C GLY B 259 34.90 -9.23 -2.60
N LYS B 260 35.46 -9.03 -1.41
CA LYS B 260 35.53 -10.05 -0.36
C LYS B 260 34.89 -9.46 0.89
N VAL B 261 34.38 -10.33 1.76
CA VAL B 261 33.77 -9.90 3.01
C VAL B 261 34.88 -9.25 3.84
N GLY B 262 34.60 -8.06 4.37
CA GLY B 262 35.61 -7.35 5.13
C GLY B 262 35.92 -7.83 6.53
N GLU B 263 36.93 -7.19 7.13
CA GLU B 263 37.40 -7.50 8.48
C GLU B 263 36.34 -7.23 9.56
N TRP B 264 35.76 -6.04 9.52
CA TRP B 264 34.75 -5.64 10.50
C TRP B 264 33.40 -6.34 10.38
N THR B 265 33.01 -6.69 9.14
CA THR B 265 31.75 -7.39 8.90
C THR B 265 31.81 -8.78 9.57
N ARG B 266 33.01 -9.36 9.63
CA ARG B 266 33.19 -10.66 10.26
C ARG B 266 33.18 -10.53 11.78
N LYS B 267 33.68 -9.42 12.31
CA LYS B 267 33.70 -9.20 13.76
C LYS B 267 32.26 -9.00 14.26
N LEU B 268 31.42 -8.36 13.45
CA LEU B 268 30.02 -8.14 13.80
C LEU B 268 29.21 -9.45 13.73
N GLN B 269 29.42 -10.22 12.66
CA GLN B 269 28.74 -11.50 12.51
C GLN B 269 29.07 -12.40 13.70
N LYS B 270 30.34 -12.40 14.10
CA LYS B 270 30.81 -13.21 15.23
C LYS B 270 30.13 -12.76 16.54
N GLN B 271 30.02 -11.46 16.73
CA GLN B 271 29.40 -10.92 17.94
C GLN B 271 27.90 -11.20 17.94
N PHE B 272 27.30 -11.21 16.74
CA PHE B 272 25.88 -11.48 16.54
C PHE B 272 25.58 -12.93 16.91
N GLU B 273 26.48 -13.82 16.50
CA GLU B 273 26.35 -15.26 16.75
C GLU B 273 26.19 -15.59 18.23
N THR B 274 26.76 -14.77 19.11
CA THR B 274 26.67 -15.01 20.55
C THR B 274 25.29 -14.75 21.12
N LYS B 275 24.44 -14.07 20.35
CA LYS B 275 23.09 -13.73 20.79
C LYS B 275 22.01 -14.72 20.33
N ILE B 276 22.33 -15.51 19.31
CA ILE B 276 21.43 -16.51 18.75
C ILE B 276 21.28 -17.68 19.74
N PRO B 277 20.03 -18.15 19.95
CA PRO B 277 19.70 -19.26 20.86
C PRO B 277 20.49 -20.55 20.56
#